data_6PB3
#
_entry.id   6PB3
#
_cell.length_a   100.436
_cell.length_b   100.436
_cell.length_c   48.860
_cell.angle_alpha   90.00
_cell.angle_beta   90.00
_cell.angle_gamma   120.00
#
_symmetry.space_group_name_H-M   'P 6'
#
loop_
_entity.id
_entity.type
_entity.pdbx_description
1 polymer 'Rhizobiales Sp. Pch2'
2 non-polymer 'SULFATE ION'
3 water water
#
_entity_poly.entity_id   1
_entity_poly.type   'polypeptide(L)'
_entity_poly.pdbx_seq_one_letter_code
;(MSE)S(MSE)TPDLAGLFEGASTYPDVDARERLNNLVGLDTHKSRLSK(MSE)LAVLVNPDGLSAWAKKHHPAAEALVK
NVIRRPPLIVLAGDVGSGKTELAETIGDDVARRESIRITLLPLSLSARGQGRVGE(MSE)TQLISAAFEHTVSEARKLKS
SGTKARGAVILLVDEADALAQSREAAQ(MSE)HHEDRAGVNAFIRGIDRLGNGALPAAVI(MSE)CTNRVDSLDPAVRRR
AAEIITFDRPNDAQRRAVITTTLQGTGVTGSQIEGLVAATGPARPRDYGFTFSDLTQRLIPSIVLDAYPDTSINPARALA
IAQA(MSE)APTAPFQDKSR
;
_entity_poly.pdbx_strand_id   A
#
# COMPACT_ATOMS: atom_id res chain seq x y z
N LEU A 10 21.35 11.84 7.54
CA LEU A 10 20.76 10.56 7.86
C LEU A 10 19.24 10.58 7.61
N PHE A 11 18.64 9.39 7.58
CA PHE A 11 17.21 9.24 7.35
C PHE A 11 16.57 8.42 8.45
N GLU A 12 16.75 7.11 8.34
CA GLU A 12 16.24 6.12 9.27
C GLU A 12 16.94 4.80 8.98
N GLY A 13 16.19 3.83 8.46
CA GLY A 13 16.74 2.57 8.01
C GLY A 13 16.46 2.28 6.55
N ALA A 14 17.43 2.52 5.68
CA ALA A 14 17.22 2.36 4.25
C ALA A 14 17.25 0.88 3.87
N SER A 15 16.36 0.50 2.94
CA SER A 15 16.30 -0.86 2.44
C SER A 15 16.52 -0.89 0.94
N THR A 16 17.12 -1.97 0.46
CA THR A 16 17.26 -2.22 -0.97
C THR A 16 16.37 -3.36 -1.38
N TYR A 17 15.93 -3.33 -2.64
CA TYR A 17 15.08 -4.37 -3.17
C TYR A 17 15.70 -4.97 -4.42
N PRO A 18 15.42 -6.25 -4.71
CA PRO A 18 14.57 -7.19 -3.96
C PRO A 18 15.13 -7.63 -2.61
N ASP A 19 14.21 -8.04 -1.73
CA ASP A 19 14.52 -8.48 -0.37
C ASP A 19 13.61 -9.64 0.00
N VAL A 20 14.22 -10.73 0.50
CA VAL A 20 13.46 -11.92 0.93
C VAL A 20 12.47 -11.56 2.04
N ASP A 21 12.89 -10.72 2.98
CA ASP A 21 12.02 -10.37 4.10
C ASP A 21 10.89 -9.47 3.64
N ALA A 22 11.15 -8.53 2.74
CA ALA A 22 10.05 -7.72 2.21
C ALA A 22 9.05 -8.61 1.48
N ARG A 23 9.54 -9.54 0.66
CA ARG A 23 8.62 -10.43 -0.06
C ARG A 23 7.76 -11.22 0.92
N GLU A 24 8.37 -11.75 1.99
CA GLU A 24 7.62 -12.49 2.99
C GLU A 24 6.55 -11.61 3.63
N ARG A 25 6.95 -10.40 4.04
CA ARG A 25 6.00 -9.46 4.61
C ARG A 25 4.89 -9.11 3.62
N LEU A 26 5.24 -8.83 2.36
CA LEU A 26 4.21 -8.57 1.35
C LEU A 26 3.21 -9.72 1.28
N ASN A 27 3.73 -10.96 1.21
CA ASN A 27 2.88 -12.14 1.11
C ASN A 27 1.95 -12.25 2.30
N ASN A 28 2.44 -11.86 3.48
CA ASN A 28 1.62 -11.98 4.69
C ASN A 28 0.48 -10.95 4.71
N LEU A 29 0.54 -9.91 3.87
CA LEU A 29 -0.58 -8.99 3.75
C LEU A 29 -1.69 -9.63 2.92
N VAL A 30 -2.83 -9.88 3.55
CA VAL A 30 -3.94 -10.51 2.86
C VAL A 30 -5.10 -9.55 2.76
N GLY A 31 -5.89 -9.71 1.70
CA GLY A 31 -6.97 -8.82 1.41
C GLY A 31 -6.56 -7.50 0.80
N LEU A 32 -5.27 -7.30 0.50
CA LEU A 32 -4.79 -6.07 -0.11
C LEU A 32 -4.29 -6.27 -1.54
N ASP A 33 -4.73 -7.34 -2.22
CA ASP A 33 -4.17 -7.67 -3.53
C ASP A 33 -4.34 -6.53 -4.51
N THR A 34 -5.51 -5.91 -4.52
CA THR A 34 -5.75 -4.78 -5.40
C THR A 34 -4.87 -3.60 -5.03
N HIS A 35 -4.73 -3.31 -3.74
CA HIS A 35 -3.90 -2.18 -3.33
C HIS A 35 -2.43 -2.41 -3.71
N LYS A 36 -1.96 -3.66 -3.60
CA LYS A 36 -0.59 -4.03 -3.98
C LYS A 36 -0.35 -3.79 -5.46
N SER A 37 -1.25 -4.32 -6.29
CA SER A 37 -1.14 -4.18 -7.73
C SER A 37 -1.13 -2.72 -8.16
N ARG A 38 -2.06 -1.92 -7.65
CA ARG A 38 -2.11 -0.52 -8.05
C ARG A 38 -0.88 0.23 -7.57
N LEU A 39 -0.50 0.04 -6.31
CA LEU A 39 0.70 0.71 -5.80
C LEU A 39 1.92 0.29 -6.60
N SER A 40 2.07 -1.02 -6.86
CA SER A 40 3.26 -1.50 -7.55
C SER A 40 3.29 -0.99 -8.99
N LYS A 41 2.16 -1.05 -9.68
CA LYS A 41 2.17 -0.67 -11.09
C LYS A 41 2.33 0.84 -11.26
N LEU A 43 3.93 2.97 -9.27
CA LEU A 43 5.35 3.21 -9.03
C LEU A 43 6.18 2.83 -10.25
N ALA A 44 5.87 1.69 -10.89
CA ALA A 44 6.64 1.31 -12.09
C ALA A 44 6.47 2.35 -13.19
N VAL A 45 5.25 2.84 -13.36
CA VAL A 45 4.99 3.86 -14.37
C VAL A 45 5.75 5.15 -14.04
N LEU A 46 5.77 5.55 -12.77
CA LEU A 46 6.41 6.80 -12.39
C LEU A 46 7.91 6.77 -12.64
N VAL A 47 8.54 5.61 -12.44
CA VAL A 47 9.98 5.53 -12.65
C VAL A 47 10.33 5.18 -14.10
N ASN A 48 9.45 4.47 -14.79
CA ASN A 48 9.70 4.04 -16.16
C ASN A 48 8.47 4.33 -17.00
N PRO A 49 8.17 5.60 -17.27
CA PRO A 49 6.93 5.94 -18.00
C PRO A 49 6.88 5.37 -19.40
N ASP A 50 8.02 5.03 -20.00
CA ASP A 50 8.01 4.47 -21.35
C ASP A 50 7.21 3.17 -21.40
N GLY A 51 7.21 2.39 -20.32
CA GLY A 51 6.48 1.14 -20.32
C GLY A 51 5.00 1.33 -20.46
N LEU A 52 4.46 2.43 -19.93
CA LEU A 52 3.04 2.72 -20.11
C LEU A 52 2.76 3.17 -21.54
N SER A 53 3.63 4.03 -22.09
CA SER A 53 3.46 4.44 -23.48
C SER A 53 3.50 3.24 -24.42
N ALA A 54 4.44 2.31 -24.18
CA ALA A 54 4.54 1.14 -25.06
C ALA A 54 3.30 0.28 -24.94
N TRP A 55 2.81 0.06 -23.71
CA TRP A 55 1.57 -0.69 -23.54
C TRP A 55 0.42 -0.04 -24.29
N ALA A 56 0.31 1.29 -24.22
CA ALA A 56 -0.76 2.00 -24.90
C ALA A 56 -0.70 1.78 -26.41
N LYS A 57 0.49 1.88 -26.99
CA LYS A 57 0.60 1.71 -28.44
C LYS A 57 0.22 0.30 -28.86
N LYS A 58 0.72 -0.72 -28.15
CA LYS A 58 0.42 -2.09 -28.57
C LYS A 58 -1.06 -2.40 -28.45
N HIS A 59 -1.72 -1.90 -27.41
CA HIS A 59 -3.11 -2.29 -27.17
C HIS A 59 -4.14 -1.28 -27.62
N HIS A 60 -3.85 0.03 -27.53
CA HIS A 60 -4.81 1.07 -27.90
C HIS A 60 -4.08 2.22 -28.59
N PRO A 61 -3.57 1.99 -29.80
CA PRO A 61 -2.79 3.04 -30.47
C PRO A 61 -3.59 4.29 -30.77
N ALA A 62 -4.88 4.17 -31.11
CA ALA A 62 -5.70 5.34 -31.38
C ALA A 62 -6.07 6.13 -30.11
N ALA A 63 -5.63 5.70 -28.93
CA ALA A 63 -5.99 6.40 -27.70
C ALA A 63 -5.17 7.67 -27.57
N GLU A 64 -5.85 8.80 -27.47
CA GLU A 64 -5.21 10.11 -27.46
C GLU A 64 -4.94 10.61 -26.04
N ALA A 65 -5.94 10.53 -25.16
CA ALA A 65 -5.79 11.01 -23.80
C ALA A 65 -5.79 9.89 -22.77
N LEU A 66 -5.70 8.63 -23.22
CA LEU A 66 -5.80 7.50 -22.29
C LEU A 66 -4.71 7.56 -21.24
N VAL A 67 -3.46 7.74 -21.66
CA VAL A 67 -2.34 7.79 -20.73
C VAL A 67 -1.74 9.19 -20.61
N LYS A 68 -2.12 10.13 -21.48
CA LYS A 68 -1.59 11.47 -21.40
C LYS A 68 -1.76 12.05 -20.01
N ASN A 69 -2.90 11.77 -19.37
CA ASN A 69 -3.11 12.24 -18.01
C ASN A 69 -2.21 11.50 -17.02
N VAL A 70 -2.06 10.18 -17.18
CA VAL A 70 -1.39 9.38 -16.15
C VAL A 70 0.10 9.69 -16.10
N ILE A 71 0.73 9.93 -17.25
CA ILE A 71 2.17 10.00 -17.30
C ILE A 71 2.67 11.31 -16.70
N ARG A 72 2.03 12.42 -17.06
CA ARG A 72 2.54 13.73 -16.71
C ARG A 72 2.35 14.09 -15.23
N ARG A 73 1.82 13.19 -14.41
CA ARG A 73 1.54 13.52 -13.03
C ARG A 73 2.81 13.62 -12.21
N PRO A 74 2.88 14.55 -11.25
CA PRO A 74 3.99 14.54 -10.30
C PRO A 74 4.10 13.18 -9.64
N PRO A 75 5.33 12.71 -9.36
CA PRO A 75 5.56 11.32 -8.89
C PRO A 75 5.31 11.12 -7.39
N LEU A 76 4.06 11.27 -6.99
CA LEU A 76 3.64 11.12 -5.60
C LEU A 76 2.44 10.19 -5.56
N ILE A 77 2.46 9.24 -4.63
CA ILE A 77 1.35 8.32 -4.41
C ILE A 77 0.93 8.43 -2.95
N VAL A 78 -0.37 8.63 -2.71
CA VAL A 78 -0.91 8.80 -1.38
C VAL A 78 -1.64 7.52 -1.00
N LEU A 79 -1.30 6.96 0.16
CA LEU A 79 -2.04 5.86 0.77
C LEU A 79 -2.84 6.43 1.92
N ALA A 80 -4.17 6.36 1.82
CA ALA A 80 -5.06 7.01 2.78
C ALA A 80 -6.07 6.01 3.31
N GLY A 81 -6.39 6.08 4.59
CA GLY A 81 -7.47 5.28 5.14
C GLY A 81 -7.19 4.81 6.56
N ASP A 82 -8.01 3.85 6.99
CA ASP A 82 -8.07 3.38 8.36
C ASP A 82 -6.71 2.99 8.91
N VAL A 83 -6.48 3.36 10.17
CA VAL A 83 -5.28 2.95 10.88
C VAL A 83 -5.27 1.44 11.05
N GLY A 84 -4.09 0.83 10.92
CA GLY A 84 -3.97 -0.59 11.13
C GLY A 84 -4.41 -1.43 9.95
N SER A 85 -4.60 -0.82 8.79
CA SER A 85 -4.94 -1.55 7.58
C SER A 85 -3.73 -2.21 6.93
N GLY A 86 -2.50 -1.85 7.33
CA GLY A 86 -1.30 -2.33 6.65
C GLY A 86 -0.71 -1.36 5.65
N LYS A 87 -1.16 -0.10 5.65
CA LYS A 87 -0.65 0.89 4.70
C LYS A 87 0.87 1.02 4.80
N THR A 88 1.36 1.22 6.02
CA THR A 88 2.79 1.40 6.24
C THR A 88 3.55 0.14 5.86
N GLU A 89 3.06 -1.02 6.30
CA GLU A 89 3.72 -2.27 5.99
C GLU A 89 3.72 -2.50 4.48
N LEU A 90 2.65 -2.11 3.80
CA LEU A 90 2.64 -2.20 2.34
C LEU A 90 3.67 -1.26 1.73
N ALA A 91 3.71 -0.02 2.19
CA ALA A 91 4.64 0.95 1.60
C ALA A 91 6.08 0.55 1.83
N GLU A 92 6.38 -0.10 2.96
CA GLU A 92 7.75 -0.48 3.29
C GLU A 92 8.21 -1.72 2.56
N THR A 93 7.30 -2.48 1.94
CA THR A 93 7.70 -3.72 1.29
C THR A 93 7.40 -3.77 -0.20
N ILE A 94 6.52 -2.88 -0.70
CA ILE A 94 6.04 -2.95 -2.08
C ILE A 94 7.17 -2.79 -3.09
N GLY A 95 8.30 -2.22 -2.69
CA GLY A 95 9.43 -2.06 -3.58
C GLY A 95 9.98 -3.36 -4.09
N ASP A 96 9.78 -4.46 -3.35
CA ASP A 96 10.16 -5.77 -3.83
C ASP A 96 9.33 -6.17 -5.03
N ASP A 97 8.02 -5.88 -4.97
CA ASP A 97 7.15 -6.12 -6.12
C ASP A 97 7.56 -5.27 -7.33
N VAL A 98 7.86 -3.99 -7.11
CA VAL A 98 8.23 -3.12 -8.23
C VAL A 98 9.53 -3.60 -8.85
N ALA A 99 10.47 -4.01 -8.00
CA ALA A 99 11.75 -4.52 -8.49
C ALA A 99 11.55 -5.74 -9.36
N ARG A 100 10.64 -6.63 -8.95
CA ARG A 100 10.32 -7.80 -9.76
C ARG A 100 9.66 -7.39 -11.08
N ARG A 101 8.67 -6.49 -11.00
CA ARG A 101 7.87 -6.13 -12.17
C ARG A 101 8.72 -5.45 -13.24
N GLU A 102 9.61 -4.54 -12.85
CA GLU A 102 10.42 -3.80 -13.83
C GLU A 102 11.84 -4.34 -13.96
N SER A 103 12.20 -5.38 -13.19
CA SER A 103 13.57 -5.91 -13.19
C SER A 103 14.59 -4.80 -12.95
N ILE A 104 14.38 -4.03 -11.88
CA ILE A 104 15.32 -3.00 -11.45
C ILE A 104 15.63 -3.16 -9.97
N ARG A 105 16.78 -2.62 -9.58
CA ARG A 105 17.18 -2.53 -8.18
C ARG A 105 16.69 -1.20 -7.62
N ILE A 106 16.10 -1.24 -6.42
CA ILE A 106 15.37 -0.10 -5.87
C ILE A 106 15.89 0.22 -4.48
N THR A 107 16.19 1.49 -4.24
CA THR A 107 16.61 1.98 -2.94
C THR A 107 15.44 2.71 -2.29
N LEU A 108 15.06 2.28 -1.09
CA LEU A 108 14.00 2.94 -0.34
C LEU A 108 14.61 3.85 0.71
N LEU A 109 14.20 5.12 0.70
CA LEU A 109 14.65 6.09 1.70
C LEU A 109 13.47 6.42 2.60
N PRO A 110 13.40 5.88 3.81
CA PRO A 110 12.30 6.24 4.72
C PRO A 110 12.64 7.53 5.45
N LEU A 111 11.71 8.48 5.39
CA LEU A 111 11.83 9.74 6.11
C LEU A 111 11.32 9.56 7.54
N SER A 112 12.23 9.66 8.52
CA SER A 112 11.85 9.69 9.93
C SER A 112 11.29 11.04 10.34
N GLU A 123 12.70 22.88 12.00
CA GLU A 123 13.73 21.93 11.62
C GLU A 123 13.19 20.94 10.61
N THR A 125 11.49 21.72 7.89
CA THR A 125 11.75 22.22 6.54
C THR A 125 13.13 21.82 6.06
N GLN A 126 14.14 21.91 6.93
CA GLN A 126 15.48 21.45 6.59
C GLN A 126 15.48 19.95 6.28
N LEU A 127 14.79 19.15 7.10
CA LEU A 127 14.77 17.71 6.89
C LEU A 127 14.17 17.34 5.55
N ILE A 128 13.08 18.01 5.17
CA ILE A 128 12.39 17.66 3.93
C ILE A 128 13.25 18.03 2.73
N SER A 129 13.80 19.25 2.73
CA SER A 129 14.73 19.66 1.67
C SER A 129 15.87 18.67 1.53
N ALA A 130 16.55 18.37 2.63
CA ALA A 130 17.69 17.44 2.59
C ALA A 130 17.27 16.13 1.96
N ALA A 131 16.16 15.56 2.43
CA ALA A 131 15.69 14.30 1.89
C ALA A 131 15.49 14.37 0.38
N PHE A 132 14.90 15.48 -0.09
CA PHE A 132 14.67 15.59 -1.53
C PHE A 132 15.96 15.84 -2.28
N GLU A 133 16.89 16.61 -1.71
CA GLU A 133 18.17 16.80 -2.36
C GLU A 133 18.92 15.48 -2.50
N HIS A 134 18.94 14.70 -1.42
CA HIS A 134 19.58 13.38 -1.48
C HIS A 134 18.89 12.50 -2.52
N THR A 135 17.55 12.49 -2.52
CA THR A 135 16.82 11.65 -3.46
C THR A 135 17.16 12.02 -4.89
N VAL A 136 17.23 13.31 -5.20
CA VAL A 136 17.60 13.76 -6.55
C VAL A 136 19.01 13.29 -6.89
N SER A 137 19.96 13.46 -5.97
CA SER A 137 21.34 13.08 -6.25
C SER A 137 21.43 11.58 -6.54
N GLU A 138 20.86 10.74 -5.69
CA GLU A 138 20.93 9.30 -5.90
C GLU A 138 20.24 8.89 -7.20
N ALA A 139 19.11 9.53 -7.52
CA ALA A 139 18.41 9.21 -8.75
C ALA A 139 19.23 9.57 -9.98
N ARG A 140 20.04 10.63 -9.90
CA ARG A 140 20.93 10.99 -11.00
C ARG A 140 22.01 9.94 -11.19
N LYS A 141 22.60 9.45 -10.09
CA LYS A 141 23.56 8.36 -10.16
C LYS A 141 22.95 7.14 -10.84
N LEU A 142 21.71 6.81 -10.51
CA LEU A 142 21.02 5.68 -11.10
C LEU A 142 20.70 5.92 -12.57
N ALA A 149 16.38 3.32 -17.30
CA ALA A 149 16.54 3.39 -15.86
C ALA A 149 17.11 2.08 -15.30
N ARG A 150 18.37 2.14 -14.82
CA ARG A 150 18.98 0.96 -14.19
C ARG A 150 18.36 0.66 -12.84
N GLY A 151 18.09 1.70 -12.05
CA GLY A 151 17.50 1.52 -10.74
C GLY A 151 16.52 2.65 -10.46
N ALA A 152 15.98 2.65 -9.26
CA ALA A 152 15.06 3.71 -8.86
C ALA A 152 15.18 3.97 -7.37
N VAL A 153 14.62 5.09 -6.95
CA VAL A 153 14.68 5.58 -5.58
C VAL A 153 13.26 5.90 -5.12
N ILE A 154 12.83 5.28 -4.03
CA ILE A 154 11.53 5.59 -3.44
C ILE A 154 11.75 6.33 -2.14
N LEU A 155 11.14 7.50 -2.03
CA LEU A 155 11.12 8.24 -0.79
C LEU A 155 9.81 7.93 -0.08
N LEU A 156 9.90 7.49 1.18
CA LEU A 156 8.71 7.16 1.97
C LEU A 156 8.55 8.16 3.10
N VAL A 157 7.33 8.69 3.23
CA VAL A 157 6.97 9.69 4.24
C VAL A 157 5.82 9.15 5.09
N ASP A 158 6.06 9.00 6.41
CA ASP A 158 5.09 8.42 7.33
C ASP A 158 4.16 9.45 7.97
N GLU A 159 4.49 10.74 7.85
CA GLU A 159 3.66 11.87 8.24
C GLU A 159 2.87 12.35 7.02
N ALA A 160 1.76 13.07 7.26
CA ALA A 160 1.21 13.37 8.58
C ALA A 160 -0.29 13.14 8.59
N ALA A 178 5.68 26.10 5.34
CA ALA A 178 7.14 26.06 5.31
C ALA A 178 7.59 24.65 4.98
N GLY A 179 7.24 23.72 5.86
CA GLY A 179 7.49 22.31 5.58
C GLY A 179 6.68 21.80 4.42
N VAL A 180 5.44 22.27 4.29
CA VAL A 180 4.64 21.89 3.13
C VAL A 180 5.28 22.44 1.86
N ASN A 181 5.82 23.65 1.92
CA ASN A 181 6.41 24.24 0.73
C ASN A 181 7.67 23.49 0.30
N ALA A 182 8.51 23.11 1.27
CA ALA A 182 9.69 22.30 0.95
C ALA A 182 9.29 20.99 0.29
N PHE A 183 8.19 20.40 0.73
CA PHE A 183 7.73 19.13 0.18
C PHE A 183 7.22 19.29 -1.24
N ILE A 184 6.42 20.34 -1.45
CA ILE A 184 5.89 20.65 -2.78
C ILE A 184 7.02 20.90 -3.77
N ARG A 185 7.96 21.76 -3.39
CA ARG A 185 9.11 22.02 -4.23
C ARG A 185 9.88 20.73 -4.54
N GLY A 186 9.98 19.83 -3.56
CA GLY A 186 10.67 18.57 -3.81
C GLY A 186 9.95 17.71 -4.82
N ILE A 187 8.63 17.58 -4.67
CA ILE A 187 7.83 16.77 -5.58
C ILE A 187 7.91 17.33 -7.00
N ASP A 188 7.74 18.63 -7.14
CA ASP A 188 7.83 19.25 -8.47
C ASP A 188 9.18 19.00 -9.10
N ARG A 189 10.24 19.08 -8.29
CA ARG A 189 11.59 18.89 -8.80
C ARG A 189 11.77 17.46 -9.32
N LEU A 190 11.21 16.48 -8.62
CA LEU A 190 11.26 15.09 -9.11
C LEU A 190 10.43 14.95 -10.38
N GLY A 191 9.32 15.69 -10.49
CA GLY A 191 8.47 15.57 -11.66
C GLY A 191 9.05 16.27 -12.86
N ASN A 192 9.66 17.45 -12.65
CA ASN A 192 10.29 18.18 -13.75
C ASN A 192 11.33 17.33 -14.46
N GLY A 193 12.16 16.62 -13.70
CA GLY A 193 13.17 15.79 -14.31
C GLY A 193 12.64 14.45 -14.74
N ALA A 194 13.47 13.75 -15.51
CA ALA A 194 13.20 12.36 -15.87
C ALA A 194 13.80 11.40 -14.85
N LEU A 195 14.11 11.87 -13.66
CA LEU A 195 14.81 11.06 -12.68
C LEU A 195 13.93 9.90 -12.23
N PRO A 196 14.46 8.69 -12.17
CA PRO A 196 13.70 7.52 -11.69
C PRO A 196 13.52 7.54 -10.18
N ALA A 197 12.55 8.35 -9.73
CA ALA A 197 12.27 8.54 -8.31
C ALA A 197 10.79 8.80 -8.10
N ALA A 198 10.26 8.28 -6.98
CA ALA A 198 8.86 8.46 -6.60
C ALA A 198 8.73 8.64 -5.09
N VAL A 199 7.60 9.18 -4.67
CA VAL A 199 7.33 9.44 -3.26
C VAL A 199 6.05 8.70 -2.88
N ILE A 200 6.10 7.99 -1.76
CA ILE A 200 4.92 7.38 -1.17
C ILE A 200 4.65 8.10 0.14
N CYS A 202 1.85 8.16 3.47
CA CYS A 202 0.73 7.55 4.14
C CYS A 202 0.06 8.58 5.04
N THR A 203 -1.27 8.52 5.10
CA THR A 203 -2.06 9.38 5.97
C THR A 203 -3.28 8.58 6.40
N ASN A 204 -3.76 8.86 7.60
CA ASN A 204 -4.99 8.22 8.05
C ASN A 204 -6.19 8.81 7.33
N ARG A 205 -6.29 10.13 7.29
CA ARG A 205 -7.37 10.79 6.58
C ARG A 205 -6.80 11.72 5.54
N VAL A 206 -7.21 11.52 4.29
CA VAL A 206 -6.69 12.33 3.19
C VAL A 206 -7.01 13.80 3.41
N ASP A 207 -8.11 14.11 4.11
CA ASP A 207 -8.45 15.49 4.43
C ASP A 207 -7.41 16.12 5.35
N SER A 208 -6.60 15.31 6.04
CA SER A 208 -5.54 15.89 6.85
C SER A 208 -4.46 16.53 5.98
N LEU A 209 -4.27 16.03 4.77
CA LEU A 209 -3.17 16.50 3.94
C LEU A 209 -3.43 17.92 3.46
N ASP A 210 -2.36 18.70 3.37
CA ASP A 210 -2.45 20.01 2.74
C ASP A 210 -2.97 19.87 1.31
N PRO A 211 -3.86 20.76 0.88
CA PRO A 211 -4.44 20.63 -0.48
C PRO A 211 -3.40 20.66 -1.58
N ALA A 212 -2.36 21.47 -1.41
CA ALA A 212 -1.30 21.55 -2.41
C ALA A 212 -0.49 20.26 -2.49
N VAL A 213 -0.53 19.45 -1.42
CA VAL A 213 0.03 18.11 -1.52
C VAL A 213 -0.95 17.17 -2.20
N ARG A 214 -2.22 17.23 -1.79
CA ARG A 214 -3.22 16.30 -2.30
C ARG A 214 -3.35 16.39 -3.81
N ARG A 215 -3.40 17.62 -4.34
CA ARG A 215 -3.66 17.81 -5.76
C ARG A 215 -2.51 17.34 -6.64
N ARG A 216 -1.32 17.13 -6.08
CA ARG A 216 -0.19 16.62 -6.81
C ARG A 216 -0.09 15.10 -6.85
N ALA A 217 -0.87 14.37 -6.05
CA ALA A 217 -0.81 12.92 -6.08
C ALA A 217 -1.13 12.41 -7.48
N ALA A 218 -0.23 11.59 -8.02
CA ALA A 218 -0.52 10.89 -9.26
C ALA A 218 -1.62 9.88 -9.04
N GLU A 219 -1.61 9.23 -7.87
CA GLU A 219 -2.69 8.33 -7.52
C GLU A 219 -2.90 8.38 -6.02
N ILE A 220 -4.17 8.31 -5.64
CA ILE A 220 -4.58 8.11 -4.26
C ILE A 220 -5.18 6.72 -4.16
N ILE A 221 -4.69 5.92 -3.22
CA ILE A 221 -5.13 4.54 -3.03
C ILE A 221 -5.75 4.46 -1.65
N THR A 222 -7.00 4.02 -1.59
CA THR A 222 -7.75 4.15 -0.35
C THR A 222 -7.89 2.78 0.34
N PHE A 223 -7.77 2.82 1.67
CA PHE A 223 -7.88 1.67 2.56
C PHE A 223 -9.07 1.95 3.47
N ASP A 224 -10.23 1.51 3.03
CA ASP A 224 -11.40 1.59 3.87
C ASP A 224 -11.83 0.17 4.19
N ARG A 225 -13.03 0.04 4.72
CA ARG A 225 -13.45 -1.22 5.32
C ARG A 225 -13.53 -2.31 4.25
N PRO A 226 -12.95 -3.48 4.48
CA PRO A 226 -12.93 -4.50 3.43
C PRO A 226 -14.32 -4.92 3.02
N ASN A 227 -14.50 -5.10 1.72
CA ASN A 227 -15.77 -5.59 1.19
C ASN A 227 -15.82 -7.11 1.34
N ASP A 228 -16.91 -7.72 0.89
CA ASP A 228 -17.11 -9.14 1.13
C ASP A 228 -15.98 -9.97 0.53
N ALA A 229 -15.51 -9.60 -0.67
CA ALA A 229 -14.42 -10.36 -1.28
C ALA A 229 -13.14 -10.22 -0.46
N GLN A 230 -12.83 -9.00 -0.01
CA GLN A 230 -11.63 -8.79 0.79
C GLN A 230 -11.72 -9.51 2.14
N ARG A 231 -12.90 -9.49 2.76
CA ARG A 231 -13.06 -10.23 4.00
C ARG A 231 -12.93 -11.72 3.77
N ARG A 232 -13.48 -12.21 2.66
CA ARG A 232 -13.33 -13.62 2.31
C ARG A 232 -11.86 -14.01 2.16
N ALA A 233 -11.06 -13.17 1.50
CA ALA A 233 -9.65 -13.53 1.27
C ALA A 233 -8.87 -13.60 2.56
N VAL A 234 -9.06 -12.63 3.47
CA VAL A 234 -8.36 -12.69 4.75
C VAL A 234 -8.77 -13.94 5.52
N ILE A 235 -10.06 -14.25 5.52
CA ILE A 235 -10.55 -15.36 6.35
C ILE A 235 -10.13 -16.70 5.75
N THR A 236 -10.35 -16.86 4.45
CA THR A 236 -9.96 -18.10 3.78
C THR A 236 -8.46 -18.35 3.90
N THR A 237 -7.64 -17.36 3.54
CA THR A 237 -6.19 -17.53 3.63
C THR A 237 -5.75 -17.89 5.04
N THR A 238 -6.30 -17.19 6.04
CA THR A 238 -5.91 -17.50 7.42
C THR A 238 -6.38 -18.89 7.84
N LEU A 239 -7.59 -19.28 7.44
CA LEU A 239 -8.16 -20.53 7.94
C LEU A 239 -7.80 -21.73 7.10
N GLN A 240 -6.96 -21.56 6.08
CA GLN A 240 -6.65 -22.65 5.18
C GLN A 240 -5.96 -23.78 5.94
N GLY A 241 -6.35 -25.02 5.63
CA GLY A 241 -5.77 -26.16 6.30
C GLY A 241 -6.32 -26.42 7.68
N THR A 242 -7.35 -25.70 8.11
CA THR A 242 -7.99 -25.97 9.38
C THR A 242 -9.28 -26.77 9.22
N GLY A 243 -9.69 -27.05 7.98
CA GLY A 243 -10.90 -27.82 7.77
C GLY A 243 -12.18 -27.03 7.84
N VAL A 244 -12.09 -25.70 7.94
CA VAL A 244 -13.27 -24.85 7.90
C VAL A 244 -13.87 -24.89 6.50
N THR A 245 -15.17 -25.21 6.42
CA THR A 245 -15.83 -25.31 5.13
C THR A 245 -16.02 -23.93 4.51
N GLY A 246 -16.32 -23.93 3.21
CA GLY A 246 -16.64 -22.67 2.55
C GLY A 246 -17.92 -22.06 3.08
N SER A 247 -18.89 -22.92 3.43
CA SER A 247 -20.14 -22.43 4.01
C SER A 247 -19.88 -21.76 5.35
N GLN A 248 -18.99 -22.33 6.16
CA GLN A 248 -18.62 -21.71 7.42
C GLN A 248 -17.82 -20.42 7.21
N ILE A 249 -17.01 -20.37 6.15
CA ILE A 249 -16.31 -19.12 5.84
C ILE A 249 -17.29 -18.02 5.49
N GLU A 250 -18.34 -18.36 4.73
CA GLU A 250 -19.30 -17.35 4.34
C GLU A 250 -20.05 -16.78 5.55
N GLY A 251 -20.32 -17.63 6.55
CA GLY A 251 -20.88 -17.14 7.79
C GLY A 251 -20.01 -16.10 8.46
N LEU A 252 -18.69 -16.34 8.49
CA LEU A 252 -17.79 -15.37 9.10
C LEU A 252 -17.64 -14.13 8.24
N VAL A 253 -17.72 -14.28 6.92
CA VAL A 253 -17.77 -13.12 6.03
C VAL A 253 -19.00 -12.28 6.33
N ALA A 254 -20.14 -12.93 6.48
CA ALA A 254 -21.38 -12.20 6.78
C ALA A 254 -21.33 -11.59 8.17
N ALA A 255 -20.77 -12.30 9.14
CA ALA A 255 -20.72 -11.79 10.50
C ALA A 255 -19.80 -10.60 10.63
N THR A 256 -18.86 -10.42 9.70
CA THR A 256 -17.94 -9.29 9.81
C THR A 256 -18.30 -8.16 8.86
N GLY A 257 -19.42 -8.28 8.13
CA GLY A 257 -19.88 -7.26 7.24
C GLY A 257 -20.88 -6.31 7.88
N PRO A 258 -21.36 -5.32 7.12
CA PRO A 258 -22.28 -4.33 7.70
C PRO A 258 -23.64 -4.88 8.08
N ALA A 259 -24.16 -5.86 7.34
CA ALA A 259 -25.46 -6.49 7.65
C ALA A 259 -26.60 -5.47 7.80
N ASP A 263 -24.80 0.41 10.08
CA ASP A 263 -24.52 -0.58 9.05
C ASP A 263 -23.12 -0.39 8.45
N TYR A 264 -22.09 -0.52 9.28
CA TYR A 264 -20.71 -0.57 8.83
C TYR A 264 -20.10 -1.91 9.25
N GLY A 265 -19.16 -2.41 8.45
CA GLY A 265 -18.53 -3.69 8.71
C GLY A 265 -17.21 -3.55 9.47
N PHE A 266 -16.52 -4.69 9.61
CA PHE A 266 -15.20 -4.68 10.24
C PHE A 266 -14.21 -3.88 9.39
N THR A 267 -13.28 -3.21 10.06
CA THR A 267 -12.10 -2.70 9.39
C THR A 267 -11.12 -3.85 9.15
N PHE A 268 -10.05 -3.54 8.41
CA PHE A 268 -8.95 -4.48 8.25
C PHE A 268 -8.30 -4.77 9.60
N SER A 269 -8.13 -3.73 10.42
CA SER A 269 -7.65 -3.90 11.78
C SER A 269 -8.55 -4.82 12.60
N ASP A 270 -9.87 -4.62 12.55
CA ASP A 270 -10.77 -5.51 13.26
C ASP A 270 -10.56 -6.97 12.87
N LEU A 271 -10.19 -7.23 11.61
CA LEU A 271 -9.96 -8.63 11.24
C LEU A 271 -8.60 -9.12 11.77
N THR A 272 -7.54 -8.33 11.57
CA THR A 272 -6.20 -8.85 11.78
C THR A 272 -5.74 -8.71 13.22
N GLN A 273 -6.17 -7.65 13.92
CA GLN A 273 -5.71 -7.40 15.28
C GLN A 273 -6.73 -7.79 16.36
N ARG A 274 -7.97 -8.12 15.99
CA ARG A 274 -8.94 -8.58 16.97
C ARG A 274 -9.49 -9.95 16.64
N LEU A 275 -10.16 -10.12 15.50
CA LEU A 275 -10.91 -11.35 15.27
C LEU A 275 -9.97 -12.53 15.06
N ILE A 276 -8.96 -12.37 14.22
CA ILE A 276 -8.05 -13.49 13.94
C ILE A 276 -7.35 -13.97 15.21
N PRO A 277 -6.69 -13.12 16.01
CA PRO A 277 -6.12 -13.61 17.27
C PRO A 277 -7.15 -14.31 18.15
N SER A 278 -8.36 -13.73 18.28
CA SER A 278 -9.37 -14.31 19.17
C SER A 278 -9.73 -15.72 18.72
N ILE A 279 -9.85 -15.92 17.41
CA ILE A 279 -10.22 -17.25 16.92
C ILE A 279 -9.12 -18.26 17.23
N VAL A 280 -7.87 -17.87 16.95
CA VAL A 280 -6.74 -18.78 17.20
C VAL A 280 -6.58 -19.04 18.68
N LEU A 281 -6.53 -17.98 19.50
CA LEU A 281 -6.28 -18.16 20.92
C LEU A 281 -7.40 -18.95 21.58
N ASP A 282 -8.62 -18.88 21.02
CA ASP A 282 -9.72 -19.64 21.61
C ASP A 282 -9.46 -21.14 21.58
N ALA A 283 -8.80 -21.63 20.54
CA ALA A 283 -8.46 -23.04 20.43
C ALA A 283 -7.14 -23.36 21.12
N TYR A 284 -6.14 -22.49 20.96
CA TYR A 284 -4.84 -22.68 21.59
C TYR A 284 -5.01 -22.81 23.10
N PRO A 285 -4.25 -23.71 23.76
CA PRO A 285 -3.28 -24.61 23.13
C PRO A 285 -3.71 -26.07 23.04
N ASP A 286 -4.91 -26.40 23.52
CA ASP A 286 -5.30 -27.79 23.73
C ASP A 286 -6.44 -28.25 22.83
N THR A 287 -6.90 -27.41 21.91
CA THR A 287 -8.11 -27.71 21.14
C THR A 287 -7.90 -27.30 19.68
N SER A 288 -8.57 -28.01 18.78
CA SER A 288 -8.55 -27.60 17.40
C SER A 288 -9.55 -26.46 17.18
N ILE A 289 -9.38 -25.76 16.05
CA ILE A 289 -10.23 -24.62 15.74
C ILE A 289 -11.68 -25.08 15.58
N ASN A 290 -12.61 -24.37 16.23
CA ASN A 290 -14.02 -24.73 16.24
C ASN A 290 -14.81 -23.68 15.48
N PRO A 291 -15.37 -24.03 14.32
CA PRO A 291 -16.11 -23.03 13.53
C PRO A 291 -17.27 -22.41 14.29
N ALA A 292 -17.97 -23.19 15.12
CA ALA A 292 -19.08 -22.65 15.89
C ALA A 292 -18.58 -21.56 16.84
N ARG A 293 -17.46 -21.80 17.50
CA ARG A 293 -16.92 -20.78 18.40
C ARG A 293 -16.42 -19.59 17.61
N ALA A 294 -15.76 -19.83 16.48
CA ALA A 294 -15.28 -18.72 15.66
C ALA A 294 -16.44 -17.83 15.21
N LEU A 295 -17.59 -18.41 14.86
CA LEU A 295 -18.71 -17.60 14.45
C LEU A 295 -19.27 -16.82 15.64
N ALA A 296 -19.41 -17.50 16.79
CA ALA A 296 -19.90 -16.83 17.99
C ALA A 296 -19.00 -15.67 18.37
N ILE A 297 -17.69 -15.83 18.19
CA ILE A 297 -16.76 -14.73 18.48
C ILE A 297 -16.99 -13.57 17.52
N ALA A 298 -17.07 -13.87 16.21
CA ALA A 298 -17.25 -12.81 15.23
C ALA A 298 -18.54 -12.03 15.47
N GLN A 299 -19.61 -12.72 15.87
CA GLN A 299 -20.91 -12.08 15.99
C GLN A 299 -20.99 -11.22 17.25
N ALA A 300 -20.42 -11.69 18.35
CA ALA A 300 -20.39 -10.90 19.58
C ALA A 300 -19.45 -9.72 19.48
N ALA A 302 -18.03 -6.29 18.20
CA ALA A 302 -18.56 -5.15 17.46
C ALA A 302 -17.45 -4.45 16.68
N PRO A 303 -17.74 -3.98 15.47
CA PRO A 303 -16.72 -3.33 14.64
C PRO A 303 -16.27 -2.01 15.27
N THR A 304 -15.08 -1.57 14.85
CA THR A 304 -14.62 -0.25 15.25
C THR A 304 -15.54 0.81 14.65
N ALA A 305 -16.03 1.71 15.48
CA ALA A 305 -16.95 2.73 15.02
C ALA A 305 -16.19 3.79 14.21
N PRO A 306 -16.82 4.35 13.16
CA PRO A 306 -16.20 5.42 12.37
C PRO A 306 -16.17 6.75 13.13
#